data_3H3C
#
_entry.id   3H3C
#
_cell.length_a   37.281
_cell.length_b   92.830
_cell.length_c   42.843
_cell.angle_alpha   90.00
_cell.angle_beta   92.64
_cell.angle_gamma   90.00
#
_symmetry.space_group_name_H-M   'P 1 21 1'
#
loop_
_entity.id
_entity.type
_entity.pdbx_description
1 polymer 'Protein tyrosine kinase 2 beta'
2 non-polymer 'SULFATE ION'
3 non-polymer 4-{[4-{[(1R,2R)-2-(dimethylamino)cyclopentyl]amino}-5-(trifluoromethyl)pyrimidin-2-yl]amino}-N-methylbenzenesulfonamide
4 water water
#
_entity_poly.entity_id   1
_entity_poly.type   'polypeptide(L)'
_entity_poly.pdbx_seq_one_letter_code
;PQYGIAREDVVLNRILGEGFFGEVYEGVYTNHKGEKINVAVKTCKKDCTLDNKEKFMSEAVIMKNLDHPHIVKLIGIIEE
EPTWIIMELYPYGELGHYLERNKNSLKVLTLVLYSLQICKAMAYLESINCVHRDIAVRNILVASPECVKLGDFGLSRYIE
DEDYYKASVTRLPIKWMSPESINFRRFTTASDVWMFAVCMWEILSFGKQPFFWLENKDVIGVLEKGDRLPKPDLCPPVLY
TLMTRCWDYDPSDRPRFTELVCSLSDVYQMEKDIAME
;
_entity_poly.pdbx_strand_id   A
#
loop_
_chem_comp.id
_chem_comp.type
_chem_comp.name
_chem_comp.formula
P1E non-polymer 4-{[4-{[(1R,2R)-2-(dimethylamino)cyclopentyl]amino}-5-(trifluoromethyl)pyrimidin-2-yl]amino}-N-methylbenzenesulfonamide 'C19 H25 F3 N6 O2 S'
SO4 non-polymer 'SULFATE ION' 'O4 S -2'
#
# COMPACT_ATOMS: atom_id res chain seq x y z
N PRO A 1 24.30 17.50 19.96
CA PRO A 1 23.77 16.65 18.85
C PRO A 1 23.20 17.51 17.74
N GLN A 2 23.18 16.98 16.53
CA GLN A 2 22.54 17.71 15.46
C GLN A 2 21.39 16.91 14.88
N TYR A 3 20.30 16.92 15.65
CA TYR A 3 19.09 16.17 15.32
C TYR A 3 18.37 16.76 14.11
N GLY A 4 17.71 15.88 13.36
CA GLY A 4 17.00 16.29 12.15
C GLY A 4 17.93 16.33 10.95
N ILE A 5 17.45 16.96 9.87
CA ILE A 5 18.16 16.92 8.61
C ILE A 5 18.30 18.30 8.06
N ALA A 6 19.49 18.55 7.52
CA ALA A 6 19.81 19.77 6.79
C ALA A 6 19.83 19.52 5.28
N ARG A 7 19.37 20.49 4.51
CA ARG A 7 19.38 20.44 3.04
C ARG A 7 20.74 20.07 2.44
N GLU A 8 21.81 20.39 3.17
CA GLU A 8 23.18 20.03 2.79
C GLU A 8 23.34 18.52 2.75
N ASP A 9 22.71 17.86 3.73
CA ASP A 9 22.80 16.40 3.89
C ASP A 9 22.22 15.64 2.70
N VAL A 10 21.48 16.32 1.82
CA VAL A 10 20.73 15.62 0.77
C VAL A 10 20.98 16.13 -0.65
N VAL A 11 21.43 15.21 -1.50
CA VAL A 11 21.67 15.48 -2.89
C VAL A 11 20.67 14.72 -3.83
N LEU A 12 20.09 15.45 -4.79
CA LEU A 12 19.22 14.88 -5.83
C LEU A 12 19.96 14.41 -7.07
N ASN A 13 19.68 13.18 -7.50
CA ASN A 13 20.45 12.56 -8.57
C ASN A 13 19.66 12.29 -9.85
N ARG A 14 18.41 11.86 -9.72
CA ARG A 14 17.51 11.72 -10.86
C ARG A 14 16.03 11.80 -10.48
N ILE A 15 15.21 12.01 -11.49
CA ILE A 15 13.77 11.89 -11.38
C ILE A 15 13.40 10.47 -10.92
N LEU A 16 12.45 10.36 -10.02
CA LEU A 16 11.88 9.06 -9.74
C LEU A 16 10.51 8.86 -10.42
N GLY A 17 9.59 9.80 -10.24
CA GLY A 17 8.29 9.76 -10.89
C GLY A 17 7.39 10.84 -10.29
N GLU A 18 6.25 11.12 -10.92
CA GLU A 18 5.39 12.17 -10.34
C GLU A 18 4.58 11.59 -9.19
N GLY A 19 4.60 12.28 -8.07
CA GLY A 19 3.75 11.93 -6.95
C GLY A 19 2.48 12.80 -7.04
N PHE A 20 1.52 12.50 -6.17
CA PHE A 20 0.26 13.25 -6.15
C PHE A 20 0.41 14.77 -6.15
N PHE A 21 1.30 15.29 -5.29
CA PHE A 21 1.53 16.72 -5.07
C PHE A 21 2.64 17.33 -5.89
N GLY A 22 3.43 16.48 -6.55
CA GLY A 22 4.66 16.98 -7.14
C GLY A 22 5.69 15.89 -7.42
N GLU A 23 6.79 16.30 -8.04
CA GLU A 23 7.76 15.33 -8.51
C GLU A 23 8.46 14.73 -7.32
N VAL A 24 8.82 13.46 -7.46
CA VAL A 24 9.66 12.80 -6.50
C VAL A 24 10.99 12.42 -7.16
N TYR A 25 12.06 12.66 -6.42
CA TYR A 25 13.43 12.48 -6.93
C TYR A 25 14.18 11.38 -6.17
N GLU A 26 15.09 10.67 -6.86
CA GLU A 26 16.02 9.76 -6.22
C GLU A 26 17.21 10.54 -5.76
N GLY A 27 17.67 10.26 -4.55
CA GLY A 27 18.91 10.84 -4.11
C GLY A 27 19.61 10.17 -2.96
N VAL A 28 20.51 10.90 -2.33
CA VAL A 28 21.34 10.29 -1.32
C VAL A 28 21.39 11.19 -0.16
N TYR A 29 21.03 10.67 1.00
CA TYR A 29 21.08 11.43 2.23
C TYR A 29 22.29 10.99 3.01
N THR A 30 23.10 11.94 3.48
CA THR A 30 24.24 11.59 4.32
C THR A 30 23.94 11.80 5.79
N ASN A 31 23.94 10.65 6.48
CA ASN A 31 23.78 10.43 7.92
C ASN A 31 24.41 11.37 8.92
N HIS A 32 23.82 11.37 10.12
CA HIS A 32 24.45 11.96 11.31
C HIS A 32 25.77 11.24 11.62
N LYS A 33 25.83 9.93 11.32
CA LYS A 33 27.08 9.16 11.46
C LYS A 33 27.87 8.94 10.15
N GLY A 34 27.67 9.82 9.17
CA GLY A 34 28.31 9.72 7.86
C GLY A 34 27.88 8.67 6.83
N GLU A 35 26.91 7.81 7.15
CA GLU A 35 26.37 6.82 6.19
C GLU A 35 25.55 7.48 5.05
N LYS A 36 25.69 6.95 3.84
CA LYS A 36 24.90 7.40 2.69
C LYS A 36 23.65 6.55 2.52
N ILE A 37 22.50 7.16 2.78
CA ILE A 37 21.22 6.49 2.63
C ILE A 37 20.57 6.90 1.31
N ASN A 38 20.14 5.94 0.49
CA ASN A 38 19.41 6.25 -0.75
C ASN A 38 17.98 6.61 -0.38
N VAL A 39 17.45 7.68 -0.95
CA VAL A 39 16.18 8.27 -0.52
C VAL A 39 15.32 8.68 -1.71
N ALA A 40 14.01 8.69 -1.49
CA ALA A 40 13.07 9.28 -2.41
C ALA A 40 12.60 10.62 -1.81
N VAL A 41 12.76 11.71 -2.56
CA VAL A 41 12.60 13.01 -1.98
C VAL A 41 11.35 13.59 -2.62
N LYS A 42 10.31 13.71 -1.81
CA LYS A 42 9.03 14.15 -2.37
C LYS A 42 8.97 15.67 -2.33
N THR A 43 8.37 16.29 -3.34
CA THR A 43 8.20 17.73 -3.36
C THR A 43 6.75 18.11 -3.65
N CYS A 44 6.39 19.33 -3.32
CA CYS A 44 5.08 19.87 -3.64
C CYS A 44 5.18 20.96 -4.73
N LYS A 45 4.40 20.84 -5.80
CA LYS A 45 4.36 21.85 -6.85
C LYS A 45 4.29 23.29 -6.30
N LYS A 46 5.21 24.14 -6.75
CA LYS A 46 5.26 25.53 -6.33
C LYS A 46 3.97 26.31 -6.61
N ASP A 47 3.21 25.87 -7.61
CA ASP A 47 1.98 26.57 -8.01
C ASP A 47 0.68 26.02 -7.45
N CYS A 48 0.77 25.12 -6.47
CA CYS A 48 -0.44 24.48 -5.95
C CYS A 48 -1.12 25.34 -4.88
N THR A 49 -2.37 25.03 -4.55
CA THR A 49 -3.09 25.86 -3.59
C THR A 49 -2.55 25.65 -2.16
N LEU A 50 -2.85 26.61 -1.28
CA LEU A 50 -2.47 26.51 0.13
C LEU A 50 -3.06 25.24 0.74
N ASP A 51 -4.32 24.96 0.41
CA ASP A 51 -4.94 23.70 0.84
C ASP A 51 -4.14 22.47 0.41
N ASN A 52 -3.45 22.57 -0.72
CA ASN A 52 -2.66 21.43 -1.16
C ASN A 52 -1.32 21.37 -0.48
N LYS A 53 -0.75 22.55 -0.25
CA LYS A 53 0.51 22.64 0.50
C LYS A 53 0.31 22.20 1.93
N GLU A 54 -0.89 22.42 2.47
CA GLU A 54 -1.18 21.97 3.80
C GLU A 54 -1.46 20.47 3.91
N LYS A 55 -2.13 19.88 2.92
CA LYS A 55 -2.35 18.44 2.91
C LYS A 55 -1.04 17.65 2.74
N PHE A 56 -0.17 18.16 1.86
CA PHE A 56 1.17 17.62 1.62
C PHE A 56 1.84 17.49 2.97
N MET A 57 1.87 18.59 3.74
CA MET A 57 2.49 18.56 5.07
C MET A 57 1.72 17.65 6.05
N SER A 58 0.40 17.74 6.03
CA SER A 58 -0.45 16.94 6.90
C SER A 58 -0.11 15.44 6.73
N GLU A 59 -0.01 15.00 5.49
CA GLU A 59 0.32 13.60 5.21
C GLU A 59 1.70 13.26 5.72
N ALA A 60 2.67 14.15 5.46
CA ALA A 60 4.07 13.99 5.89
C ALA A 60 4.19 13.75 7.40
N VAL A 61 3.50 14.58 8.19
CA VAL A 61 3.61 14.55 9.64
C VAL A 61 3.05 13.25 10.19
N ILE A 62 1.93 12.79 9.65
CA ILE A 62 1.46 11.46 9.95
C ILE A 62 2.48 10.38 9.62
N MET A 63 3.06 10.44 8.43
CA MET A 63 4.03 9.41 8.02
C MET A 63 5.24 9.43 8.96
N LYS A 64 5.59 10.63 9.43
CA LYS A 64 6.69 10.79 10.39
C LYS A 64 6.42 10.04 11.70
N ASN A 65 5.16 10.05 12.11
CA ASN A 65 4.75 9.41 13.34
C ASN A 65 4.53 7.91 13.17
N LEU A 66 4.15 7.44 11.98
CA LEU A 66 4.03 5.99 11.74
C LEU A 66 5.36 5.28 11.75
N ASP A 67 5.34 4.10 12.38
CA ASP A 67 6.51 3.25 12.60
C ASP A 67 6.06 1.81 12.42
N HIS A 68 6.14 1.27 11.22
CA HIS A 68 5.81 -0.14 11.10
C HIS A 68 6.76 -0.71 10.12
N PRO A 69 7.23 -1.93 10.32
CA PRO A 69 8.13 -2.56 9.35
C PRO A 69 7.52 -2.71 7.95
N HIS A 70 6.20 -2.64 7.82
CA HIS A 70 5.60 -2.78 6.51
C HIS A 70 4.84 -1.55 6.04
N ILE A 71 5.24 -0.40 6.55
CA ILE A 71 4.78 0.85 5.99
C ILE A 71 6.01 1.64 5.58
N VAL A 72 5.99 2.27 4.41
CA VAL A 72 7.12 3.11 3.96
C VAL A 72 7.67 4.03 5.07
N LYS A 73 9.00 4.07 5.18
CA LYS A 73 9.69 4.80 6.21
C LYS A 73 9.99 6.28 5.80
N LEU A 74 9.49 7.21 6.62
CA LEU A 74 9.87 8.62 6.51
C LEU A 74 11.15 8.85 7.30
N ILE A 75 12.14 9.43 6.66
CA ILE A 75 13.43 9.63 7.32
C ILE A 75 13.46 11.03 7.94
N GLY A 76 13.01 12.02 7.16
CA GLY A 76 12.97 13.37 7.70
C GLY A 76 12.21 14.34 6.85
N ILE A 77 12.14 15.58 7.33
CA ILE A 77 11.37 16.62 6.68
C ILE A 77 12.18 17.91 6.66
N ILE A 78 12.31 18.52 5.49
CA ILE A 78 12.83 19.89 5.38
C ILE A 78 11.67 20.81 5.01
N GLU A 79 11.15 21.58 5.97
CA GLU A 79 9.96 22.43 5.76
C GLU A 79 10.20 23.67 4.89
N GLU A 80 11.38 24.26 5.06
CA GLU A 80 11.70 25.54 4.47
C GLU A 80 11.94 25.47 2.98
N GLU A 81 12.12 26.66 2.38
CA GLU A 81 12.35 26.89 0.92
C GLU A 81 11.49 25.93 0.14
N PRO A 82 12.03 25.17 -0.83
CA PRO A 82 11.22 24.10 -1.38
C PRO A 82 11.18 22.97 -0.33
N THR A 83 9.98 22.71 0.17
CA THR A 83 9.76 21.67 1.15
C THR A 83 10.18 20.31 0.58
N TRP A 84 11.03 19.59 1.31
CA TRP A 84 11.40 18.22 0.95
C TRP A 84 10.97 17.20 2.02
N ILE A 85 10.23 16.19 1.57
CA ILE A 85 9.95 15.02 2.37
C ILE A 85 10.90 13.86 1.96
N ILE A 86 11.78 13.49 2.87
CA ILE A 86 12.81 12.51 2.60
C ILE A 86 12.33 11.16 3.11
N MET A 87 11.95 10.30 2.18
CA MET A 87 11.57 8.93 2.45
C MET A 87 12.71 7.97 2.15
N GLU A 88 12.67 6.81 2.78
CA GLU A 88 13.52 5.70 2.35
C GLU A 88 13.23 5.30 0.91
N LEU A 89 14.29 5.01 0.12
CA LEU A 89 14.09 4.59 -1.26
C LEU A 89 14.01 3.08 -1.34
N TYR A 90 12.95 2.56 -1.95
CA TYR A 90 12.81 1.10 -2.14
C TYR A 90 13.11 0.77 -3.59
N PRO A 91 14.26 0.11 -3.78
CA PRO A 91 14.93 0.02 -5.08
C PRO A 91 14.15 -0.79 -6.11
N TYR A 92 13.38 -1.76 -5.63
CA TYR A 92 12.60 -2.61 -6.49
C TYR A 92 11.31 -2.00 -7.04
N GLY A 93 10.91 -0.82 -6.55
CA GLY A 93 9.75 -0.13 -7.12
C GLY A 93 8.41 -0.72 -6.69
N GLU A 94 7.36 -0.48 -7.50
CA GLU A 94 5.97 -0.82 -7.15
C GLU A 94 5.73 -2.31 -7.25
N LEU A 95 4.97 -2.84 -6.30
CA LEU A 95 4.64 -4.27 -6.30
C LEU A 95 3.97 -4.74 -7.58
N GLY A 96 3.07 -3.94 -8.17
CA GLY A 96 2.34 -4.43 -9.32
C GLY A 96 3.28 -4.77 -10.47
N HIS A 97 4.17 -3.84 -10.78
CA HIS A 97 5.25 -4.07 -11.77
C HIS A 97 6.18 -5.18 -11.39
N TYR A 98 6.64 -5.20 -10.14
CA TYR A 98 7.51 -6.29 -9.66
C TYR A 98 6.86 -7.68 -9.86
N LEU A 99 5.56 -7.78 -9.55
CA LEU A 99 4.82 -9.04 -9.77
C LEU A 99 4.72 -9.44 -11.24
N GLU A 100 4.42 -8.47 -12.11
CA GLU A 100 4.34 -8.65 -13.57
C GLU A 100 5.69 -9.15 -14.08
N ARG A 101 6.77 -8.53 -13.65
CA ARG A 101 8.09 -8.92 -14.10
C ARG A 101 8.51 -10.31 -13.65
N ASN A 102 8.21 -10.65 -12.40
CA ASN A 102 8.68 -11.88 -11.77
C ASN A 102 7.65 -12.97 -11.66
N LYS A 103 6.58 -12.85 -12.44
CA LYS A 103 5.49 -13.81 -12.41
C LYS A 103 5.86 -15.28 -12.67
N ASN A 104 6.97 -15.52 -13.35
CA ASN A 104 7.33 -16.90 -13.60
C ASN A 104 8.23 -17.51 -12.52
N SER A 105 8.73 -16.67 -11.61
CA SER A 105 9.61 -17.14 -10.52
C SER A 105 8.96 -17.17 -9.15
N LEU A 106 8.04 -16.25 -8.89
CA LEU A 106 7.47 -16.12 -7.55
C LEU A 106 6.66 -17.35 -7.19
N LYS A 107 6.85 -17.82 -5.96
CA LYS A 107 6.13 -18.97 -5.44
C LYS A 107 4.88 -18.47 -4.68
N VAL A 108 3.85 -19.30 -4.57
CA VAL A 108 2.66 -18.87 -3.78
C VAL A 108 3.03 -18.48 -2.32
N LEU A 109 4.00 -19.17 -1.73
CA LEU A 109 4.51 -18.78 -0.39
C LEU A 109 4.75 -17.26 -0.26
N THR A 110 5.44 -16.71 -1.24
CA THR A 110 5.85 -15.31 -1.19
C THR A 110 4.66 -14.40 -1.36
N LEU A 111 3.74 -14.76 -2.24
CA LEU A 111 2.52 -13.98 -2.43
C LEU A 111 1.70 -13.90 -1.16
N VAL A 112 1.62 -15.01 -0.42
CA VAL A 112 0.88 -15.00 0.84
C VAL A 112 1.62 -14.16 1.87
N LEU A 113 2.95 -14.23 1.84
CA LEU A 113 3.80 -13.43 2.73
C LEU A 113 3.62 -11.92 2.54
N TYR A 114 3.57 -11.47 1.29
CA TYR A 114 3.30 -10.03 1.02
C TYR A 114 1.92 -9.64 1.51
N SER A 115 0.93 -10.50 1.25
CA SER A 115 -0.43 -10.28 1.82
C SER A 115 -0.43 -10.15 3.35
N LEU A 116 0.27 -11.07 4.02
CA LEU A 116 0.39 -11.05 5.47
C LEU A 116 1.07 -9.76 5.91
N GLN A 117 2.14 -9.39 5.22
CA GLN A 117 2.84 -8.20 5.66
C GLN A 117 1.96 -6.95 5.59
N ILE A 118 1.17 -6.83 4.52
CA ILE A 118 0.32 -5.67 4.33
C ILE A 118 -0.80 -5.74 5.37
N CYS A 119 -1.30 -6.95 5.62
CA CYS A 119 -2.34 -7.13 6.63
C CYS A 119 -1.88 -6.67 8.04
N LYS A 120 -0.62 -6.97 8.39
CA LYS A 120 -0.03 -6.44 9.64
C LYS A 120 0.07 -4.93 9.67
N ALA A 121 0.50 -4.32 8.56
CA ALA A 121 0.52 -2.87 8.53
C ALA A 121 -0.92 -2.37 8.77
N MET A 122 -1.90 -3.01 8.13
CA MET A 122 -3.31 -2.59 8.33
C MET A 122 -3.86 -2.83 9.74
N ALA A 123 -3.42 -3.89 10.39
CA ALA A 123 -3.85 -4.15 11.78
C ALA A 123 -3.30 -3.04 12.66
N TYR A 124 -2.06 -2.60 12.40
CA TYR A 124 -1.54 -1.43 13.09
C TYR A 124 -2.41 -0.18 12.83
N LEU A 125 -2.65 0.16 11.57
CA LEU A 125 -3.52 1.30 11.27
C LEU A 125 -4.89 1.21 11.95
N GLU A 126 -5.44 -0.02 12.04
CA GLU A 126 -6.75 -0.27 12.65
C GLU A 126 -6.71 0.00 14.15
N SER A 127 -5.56 -0.25 14.78
CA SER A 127 -5.41 -0.05 16.22
C SER A 127 -5.53 1.43 16.58
N ILE A 128 -5.28 2.33 15.61
CA ILE A 128 -5.57 3.76 15.81
C ILE A 128 -6.77 4.32 15.04
N ASN A 129 -7.64 3.44 14.57
CA ASN A 129 -8.71 3.81 13.64
C ASN A 129 -8.31 4.88 12.61
N CYS A 130 -7.09 4.72 12.08
CA CYS A 130 -6.62 5.32 10.84
C CYS A 130 -7.09 4.44 9.68
N VAL A 131 -7.74 5.08 8.70
CA VAL A 131 -8.20 4.45 7.47
C VAL A 131 -7.24 4.79 6.34
N HIS A 132 -6.82 3.77 5.60
CA HIS A 132 -5.97 3.94 4.44
C HIS A 132 -6.82 3.84 3.15
N ARG A 133 -6.85 4.85 2.31
CA ARG A 133 -7.81 4.68 1.23
C ARG A 133 -7.21 4.08 -0.06
N ASP A 134 -6.01 3.53 0.02
CA ASP A 134 -5.31 3.13 -1.21
C ASP A 134 -4.44 1.89 -1.00
N ILE A 135 -5.08 0.81 -0.58
CA ILE A 135 -4.39 -0.46 -0.37
C ILE A 135 -4.46 -1.17 -1.74
N ALA A 136 -3.45 -0.95 -2.57
CA ALA A 136 -3.41 -1.48 -3.93
C ALA A 136 -1.95 -1.68 -4.32
N VAL A 137 -1.72 -2.63 -5.19
CA VAL A 137 -0.37 -3.05 -5.57
C VAL A 137 0.49 -1.91 -6.19
N ARG A 138 -0.17 -0.95 -6.85
CA ARG A 138 0.49 0.25 -7.39
C ARG A 138 1.05 1.13 -6.26
N ASN A 139 0.49 1.00 -5.06
CA ASN A 139 0.83 1.83 -3.92
C ASN A 139 1.53 1.09 -2.81
N ILE A 140 2.19 -0.02 -3.18
CA ILE A 140 2.96 -0.79 -2.23
C ILE A 140 4.34 -0.88 -2.91
N LEU A 141 5.40 -0.69 -2.12
CA LEU A 141 6.78 -0.68 -2.59
C LEU A 141 7.46 -1.96 -2.14
N VAL A 142 8.44 -2.38 -2.92
CA VAL A 142 9.14 -3.65 -2.63
C VAL A 142 10.49 -3.26 -2.09
N ALA A 143 10.70 -3.54 -0.80
CA ALA A 143 11.94 -3.22 -0.16
C ALA A 143 12.99 -4.31 -0.48
N SER A 144 12.57 -5.56 -0.53
CA SER A 144 13.44 -6.68 -0.85
C SER A 144 12.54 -7.80 -1.36
N PRO A 145 13.09 -8.87 -1.96
CA PRO A 145 12.22 -9.96 -2.42
C PRO A 145 11.33 -10.52 -1.34
N GLU A 146 11.68 -10.35 -0.06
CA GLU A 146 10.87 -10.85 1.03
C GLU A 146 10.25 -9.78 1.91
N CYS A 147 10.23 -8.53 1.44
CA CYS A 147 9.64 -7.44 2.26
C CYS A 147 8.91 -6.39 1.43
N VAL A 148 7.65 -6.14 1.74
CA VAL A 148 6.93 -5.07 1.06
C VAL A 148 6.53 -4.01 2.04
N LYS A 149 6.23 -2.80 1.53
CA LYS A 149 5.87 -1.70 2.38
C LYS A 149 4.69 -0.96 1.77
N LEU A 150 3.63 -0.84 2.53
CA LEU A 150 2.46 -0.09 2.14
C LEU A 150 2.81 1.40 1.99
N GLY A 151 2.35 1.97 0.89
CA GLY A 151 2.62 3.37 0.55
C GLY A 151 1.90 4.42 1.37
N ASP A 152 2.27 5.67 1.13
CA ASP A 152 1.86 6.82 1.96
C ASP A 152 0.50 7.29 1.51
N PHE A 153 0.50 7.97 0.37
CA PHE A 153 -0.72 8.44 -0.28
C PHE A 153 -1.91 7.53 0.05
N GLY A 154 -3.06 8.15 0.30
CA GLY A 154 -4.30 7.45 0.59
C GLY A 154 -4.31 7.14 2.06
N LEU A 155 -3.25 7.60 2.73
CA LEU A 155 -3.23 7.83 4.18
C LEU A 155 -3.25 9.32 4.50
N THR A 170 -12.11 13.52 -5.99
CA THR A 170 -12.45 12.93 -7.28
C THR A 170 -11.53 11.73 -7.64
N ARG A 171 -11.54 11.32 -8.91
CA ARG A 171 -10.88 10.10 -9.45
C ARG A 171 -10.62 8.93 -8.46
N LEU A 172 -11.69 8.26 -8.06
CA LEU A 172 -11.62 7.23 -7.01
C LEU A 172 -11.26 5.87 -7.57
N PRO A 173 -10.67 4.99 -6.74
CA PRO A 173 -10.38 3.63 -7.20
C PRO A 173 -11.65 2.76 -7.07
N ILE A 174 -12.64 3.10 -7.88
CA ILE A 174 -13.88 2.34 -7.92
C ILE A 174 -13.75 0.80 -7.88
N LYS A 175 -12.86 0.23 -8.70
CA LYS A 175 -12.74 -1.23 -8.77
C LYS A 175 -12.12 -1.88 -7.50
N TRP A 176 -11.54 -1.06 -6.62
CA TRP A 176 -11.04 -1.54 -5.33
C TRP A 176 -11.95 -1.25 -4.11
N MET A 177 -13.05 -0.56 -4.31
CA MET A 177 -13.86 0.00 -3.20
C MET A 177 -15.07 -0.85 -2.81
N SER A 178 -15.41 -0.85 -1.52
CA SER A 178 -16.56 -1.54 -0.96
C SER A 178 -17.85 -0.89 -1.51
N PRO A 179 -18.95 -1.62 -1.52
CA PRO A 179 -20.25 -1.06 -1.90
C PRO A 179 -20.57 0.26 -1.15
N GLU A 180 -20.32 0.29 0.15
CA GLU A 180 -20.64 1.48 0.93
C GLU A 180 -19.81 2.68 0.51
N SER A 181 -18.57 2.43 0.08
CA SER A 181 -17.70 3.48 -0.42
C SER A 181 -18.21 4.06 -1.72
N ILE A 182 -18.63 3.18 -2.63
CA ILE A 182 -19.08 3.56 -3.95
C ILE A 182 -20.43 4.30 -3.84
N ASN A 183 -21.32 3.73 -3.04
CA ASN A 183 -22.64 4.29 -2.90
C ASN A 183 -22.70 5.56 -2.04
N PHE A 184 -21.97 5.60 -0.92
CA PHE A 184 -22.14 6.68 0.03
C PHE A 184 -20.86 7.43 0.41
N ARG A 185 -19.74 7.07 -0.24
CA ARG A 185 -18.44 7.68 0.06
C ARG A 185 -18.06 7.46 1.52
N ARG A 186 -18.68 6.44 2.13
CA ARG A 186 -18.33 5.96 3.46
C ARG A 186 -17.02 5.17 3.43
N PHE A 187 -16.05 5.56 4.25
CA PHE A 187 -14.81 4.81 4.33
C PHE A 187 -14.42 4.60 5.78
N THR A 188 -14.46 3.34 6.21
CA THR A 188 -14.19 2.89 7.58
C THR A 188 -13.11 1.79 7.59
N THR A 189 -12.90 1.16 8.74
CA THR A 189 -11.98 0.02 8.82
C THR A 189 -12.50 -1.14 7.99
N ALA A 190 -13.81 -1.38 8.07
CA ALA A 190 -14.42 -2.47 7.36
C ALA A 190 -14.32 -2.31 5.82
N SER A 191 -14.32 -1.05 5.35
CA SER A 191 -14.15 -0.72 3.93
C SER A 191 -12.72 -1.02 3.50
N ASP A 192 -11.78 -0.77 4.40
CA ASP A 192 -10.38 -1.11 4.23
C ASP A 192 -10.17 -2.62 4.16
N VAL A 193 -10.90 -3.40 4.97
CA VAL A 193 -10.90 -4.85 4.87
C VAL A 193 -11.31 -5.37 3.46
N TRP A 194 -12.40 -4.80 2.93
CA TRP A 194 -12.84 -5.07 1.57
C TRP A 194 -11.70 -4.74 0.60
N MET A 195 -11.16 -3.52 0.70
CA MET A 195 -10.13 -3.07 -0.23
C MET A 195 -8.86 -3.95 -0.11
N PHE A 196 -8.52 -4.29 1.13
CA PHE A 196 -7.36 -5.16 1.37
C PHE A 196 -7.49 -6.54 0.69
N ALA A 197 -8.68 -7.15 0.68
CA ALA A 197 -8.92 -8.40 -0.02
C ALA A 197 -8.78 -8.24 -1.55
N VAL A 198 -9.26 -7.11 -2.09
CA VAL A 198 -8.97 -6.78 -3.48
C VAL A 198 -7.46 -6.73 -3.75
N CYS A 199 -6.71 -6.06 -2.87
CA CYS A 199 -5.27 -6.06 -3.00
C CYS A 199 -4.70 -7.50 -2.98
N MET A 200 -5.24 -8.38 -2.13
CA MET A 200 -4.76 -9.77 -2.10
C MET A 200 -5.00 -10.46 -3.45
N TRP A 201 -6.17 -10.18 -4.00
CA TRP A 201 -6.52 -10.65 -5.31
C TRP A 201 -5.55 -10.16 -6.39
N GLU A 202 -5.16 -8.88 -6.38
CA GLU A 202 -4.15 -8.40 -7.32
C GLU A 202 -2.81 -9.12 -7.12
N ILE A 203 -2.44 -9.33 -5.87
CA ILE A 203 -1.18 -9.96 -5.62
C ILE A 203 -1.16 -11.39 -6.16
N LEU A 204 -2.20 -12.14 -5.83
CA LEU A 204 -2.28 -13.54 -6.26
C LEU A 204 -2.56 -13.70 -7.76
N SER A 205 -3.00 -12.61 -8.41
CA SER A 205 -3.14 -12.58 -9.84
C SER A 205 -1.91 -11.96 -10.51
N PHE A 206 -0.81 -11.73 -9.77
CA PHE A 206 0.38 -11.15 -10.40
C PHE A 206 0.14 -9.77 -11.00
N GLY A 207 -0.73 -8.99 -10.35
CA GLY A 207 -0.91 -7.61 -10.69
C GLY A 207 -1.96 -7.29 -11.73
N LYS A 208 -2.88 -8.19 -11.99
CA LYS A 208 -3.99 -7.83 -12.83
C LYS A 208 -4.82 -6.75 -12.10
N GLN A 209 -5.51 -5.93 -12.89
CA GLN A 209 -6.41 -4.95 -12.33
C GLN A 209 -7.72 -5.67 -12.03
N PRO A 210 -8.29 -5.44 -10.85
CA PRO A 210 -9.57 -6.07 -10.50
C PRO A 210 -10.64 -5.62 -11.49
N PHE A 211 -11.52 -6.52 -11.94
CA PHE A 211 -12.60 -6.15 -12.86
C PHE A 211 -12.11 -5.45 -14.11
N PHE A 212 -10.96 -5.90 -14.62
CA PHE A 212 -10.35 -5.29 -15.78
C PHE A 212 -11.32 -5.44 -16.97
N TRP A 213 -12.23 -6.41 -16.87
CA TRP A 213 -13.20 -6.69 -17.93
C TRP A 213 -14.46 -5.83 -17.79
N LEU A 214 -14.50 -4.95 -16.79
CA LEU A 214 -15.64 -4.05 -16.72
C LEU A 214 -15.16 -2.62 -16.85
N GLU A 215 -16.13 -1.74 -17.05
CA GLU A 215 -15.98 -0.28 -16.99
C GLU A 215 -16.36 0.11 -15.56
N ASN A 216 -15.85 1.24 -15.07
CA ASN A 216 -16.12 1.72 -13.70
C ASN A 216 -17.61 1.80 -13.37
N LYS A 217 -18.41 2.31 -14.29
CA LYS A 217 -19.86 2.43 -14.07
C LYS A 217 -20.56 1.07 -13.82
N ASP A 218 -19.97 -0.02 -14.31
CA ASP A 218 -20.61 -1.33 -14.22
C ASP A 218 -20.29 -2.04 -12.90
N VAL A 219 -19.26 -1.60 -12.19
CA VAL A 219 -18.84 -2.28 -10.95
C VAL A 219 -19.93 -2.42 -9.88
N ILE A 220 -20.46 -1.30 -9.42
CA ILE A 220 -21.45 -1.35 -8.34
C ILE A 220 -22.61 -2.32 -8.63
N GLY A 221 -23.12 -2.30 -9.84
CA GLY A 221 -24.25 -3.14 -10.17
C GLY A 221 -23.90 -4.59 -10.03
N VAL A 222 -22.71 -4.97 -10.51
CA VAL A 222 -22.19 -6.35 -10.37
C VAL A 222 -22.10 -6.73 -8.90
N LEU A 223 -21.48 -5.86 -8.10
CA LEU A 223 -21.39 -6.10 -6.65
C LEU A 223 -22.77 -6.29 -5.99
N GLU A 224 -23.72 -5.43 -6.35
CA GLU A 224 -25.06 -5.43 -5.78
C GLU A 224 -25.74 -6.76 -6.12
N LYS A 225 -25.32 -7.40 -7.21
CA LYS A 225 -25.76 -8.75 -7.63
C LYS A 225 -25.16 -9.94 -6.81
N GLY A 226 -24.16 -9.70 -5.98
CA GLY A 226 -23.51 -10.79 -5.24
C GLY A 226 -22.34 -11.40 -6.00
N ASP A 227 -22.00 -10.79 -7.12
CA ASP A 227 -20.92 -11.28 -7.96
C ASP A 227 -19.60 -10.69 -7.44
N ARG A 228 -18.52 -11.44 -7.62
CA ARG A 228 -17.23 -11.12 -6.98
C ARG A 228 -16.09 -11.51 -7.91
N LEU A 229 -14.92 -10.94 -7.64
CA LEU A 229 -13.68 -11.34 -8.33
C LEU A 229 -13.54 -12.83 -8.19
N PRO A 230 -13.20 -13.51 -9.27
CA PRO A 230 -13.08 -14.97 -9.22
C PRO A 230 -11.72 -15.36 -8.64
N LYS A 231 -11.56 -16.60 -8.21
CA LYS A 231 -10.34 -17.03 -7.54
C LYS A 231 -9.20 -17.04 -8.56
N PRO A 232 -8.07 -16.39 -8.27
CA PRO A 232 -6.88 -16.53 -9.13
C PRO A 232 -6.35 -17.97 -9.14
N ASP A 233 -5.91 -18.38 -10.31
CA ASP A 233 -5.41 -19.74 -10.52
C ASP A 233 -4.54 -20.33 -9.39
N LEU A 234 -3.57 -19.55 -8.93
CA LEU A 234 -2.64 -19.99 -7.90
C LEU A 234 -3.06 -19.62 -6.46
N CYS A 235 -4.22 -18.98 -6.31
CA CYS A 235 -4.76 -18.71 -4.99
C CYS A 235 -5.30 -20.01 -4.32
N PRO A 236 -4.78 -20.36 -3.13
CA PRO A 236 -5.32 -21.50 -2.38
C PRO A 236 -6.79 -21.26 -2.07
N PRO A 237 -7.62 -22.29 -2.23
CA PRO A 237 -9.05 -22.22 -1.86
C PRO A 237 -9.28 -21.64 -0.47
N VAL A 238 -8.46 -21.99 0.52
CA VAL A 238 -8.63 -21.44 1.87
C VAL A 238 -8.47 -19.93 1.85
N LEU A 239 -7.54 -19.47 1.01
CA LEU A 239 -7.28 -18.04 0.95
C LEU A 239 -8.41 -17.34 0.23
N TYR A 240 -8.92 -17.97 -0.83
CA TYR A 240 -10.11 -17.41 -1.50
C TYR A 240 -11.34 -17.27 -0.59
N THR A 241 -11.59 -18.30 0.23
CA THR A 241 -12.66 -18.22 1.22
C THR A 241 -12.50 -17.06 2.15
N LEU A 242 -11.27 -16.84 2.61
CA LEU A 242 -10.91 -15.63 3.31
C LEU A 242 -11.25 -14.36 2.52
N MET A 243 -10.81 -14.26 1.28
CA MET A 243 -11.15 -13.08 0.47
C MET A 243 -12.67 -12.85 0.42
N THR A 244 -13.38 -13.94 0.25
CA THR A 244 -14.83 -13.94 0.14
C THR A 244 -15.50 -13.37 1.36
N ARG A 245 -14.94 -13.65 2.54
CA ARG A 245 -15.48 -13.10 3.78
C ARG A 245 -15.23 -11.60 3.87
N CYS A 246 -14.07 -11.18 3.38
CA CYS A 246 -13.76 -9.76 3.32
C CYS A 246 -14.72 -9.02 2.38
N TRP A 247 -15.31 -9.75 1.43
CA TRP A 247 -16.25 -9.15 0.47
C TRP A 247 -17.70 -9.37 0.88
N ASP A 248 -17.95 -9.59 2.18
CA ASP A 248 -19.35 -9.61 2.62
C ASP A 248 -19.96 -8.23 2.37
N TYR A 249 -21.15 -8.21 1.76
CA TYR A 249 -21.84 -6.94 1.48
C TYR A 249 -22.02 -6.12 2.75
N ASP A 250 -22.43 -6.82 3.80
CA ASP A 250 -22.59 -6.27 5.14
C ASP A 250 -21.23 -6.07 5.83
N PRO A 251 -20.85 -4.81 6.05
CA PRO A 251 -19.55 -4.49 6.65
C PRO A 251 -19.31 -5.06 8.08
N SER A 252 -20.38 -5.28 8.87
CA SER A 252 -20.34 -5.88 10.20
C SER A 252 -19.92 -7.33 10.19
N ASP A 253 -20.13 -7.98 9.05
CA ASP A 253 -19.85 -9.40 8.92
C ASP A 253 -18.43 -9.69 8.46
N ARG A 254 -17.75 -8.64 7.99
CA ARG A 254 -16.33 -8.77 7.54
C ARG A 254 -15.39 -8.98 8.74
N PRO A 255 -14.35 -9.79 8.57
CA PRO A 255 -13.33 -9.94 9.63
C PRO A 255 -12.69 -8.61 9.97
N ARG A 256 -12.13 -8.50 11.16
CA ARG A 256 -11.24 -7.40 11.48
C ARG A 256 -9.85 -7.81 11.03
N PHE A 257 -9.00 -6.81 10.91
CA PHE A 257 -7.65 -6.99 10.57
C PHE A 257 -6.84 -7.88 11.55
N THR A 258 -7.20 -7.87 12.83
CA THR A 258 -6.45 -8.69 13.82
C THR A 258 -6.68 -10.18 13.55
N GLU A 259 -7.94 -10.53 13.28
CA GLU A 259 -8.33 -11.86 12.87
C GLU A 259 -7.67 -12.28 11.57
N LEU A 260 -7.66 -11.39 10.57
CA LEU A 260 -7.03 -11.70 9.25
C LEU A 260 -5.55 -12.03 9.40
N VAL A 261 -4.86 -11.29 10.26
CA VAL A 261 -3.44 -11.57 10.57
C VAL A 261 -3.31 -13.04 11.01
N CYS A 262 -4.18 -13.46 11.94
CA CYS A 262 -4.18 -14.87 12.44
C CYS A 262 -4.41 -15.89 11.34
N SER A 263 -5.48 -15.70 10.58
CA SER A 263 -5.75 -16.57 9.43
C SER A 263 -4.59 -16.60 8.44
N LEU A 264 -4.05 -15.43 8.10
CA LEU A 264 -3.02 -15.38 7.06
C LEU A 264 -1.70 -15.95 7.53
N SER A 265 -1.42 -15.73 8.81
CA SER A 265 -0.31 -16.41 9.47
C SER A 265 -0.38 -17.94 9.25
N ASP A 266 -1.60 -18.51 9.47
CA ASP A 266 -1.83 -19.93 9.30
C ASP A 266 -1.66 -20.37 7.87
N VAL A 267 -2.27 -19.64 6.95
CA VAL A 267 -2.11 -20.00 5.56
C VAL A 267 -0.61 -19.92 5.21
N TYR A 268 0.05 -18.85 5.64
CA TYR A 268 1.47 -18.67 5.31
C TYR A 268 2.27 -19.89 5.85
N GLN A 269 2.05 -20.26 7.11
CA GLN A 269 2.83 -21.34 7.73
C GLN A 269 2.61 -22.65 6.99
N MET A 270 1.37 -22.86 6.53
CA MET A 270 1.02 -24.03 5.72
C MET A 270 1.71 -24.04 4.35
N GLU A 271 1.69 -22.89 3.69
CA GLU A 271 2.30 -22.79 2.38
C GLU A 271 3.80 -22.97 2.48
N LYS A 272 4.38 -22.46 3.55
CA LYS A 272 5.80 -22.66 3.82
C LYS A 272 6.11 -24.18 3.97
N ASP A 273 5.40 -24.87 4.87
CA ASP A 273 5.61 -26.31 5.09
C ASP A 273 5.52 -27.06 3.78
N ILE A 274 4.44 -26.83 3.04
CA ILE A 274 4.24 -27.42 1.73
C ILE A 274 5.45 -27.20 0.82
N ALA A 275 6.00 -25.99 0.76
CA ALA A 275 7.13 -25.74 -0.14
C ALA A 275 8.48 -26.30 0.38
N MET A 276 8.63 -26.47 1.70
CA MET A 276 9.89 -26.98 2.26
C MET A 276 9.97 -28.50 2.24
N GLU A 277 8.86 -29.16 1.85
CA GLU A 277 8.79 -30.62 1.86
C GLU A 277 7.89 -31.19 0.75
S SO4 B . 2.53 9.60 -3.76
O1 SO4 B . 3.78 10.19 -4.21
O2 SO4 B . 1.98 10.45 -2.71
O3 SO4 B . 1.60 9.45 -4.88
O4 SO4 B . 2.78 8.27 -3.24
S SO4 C . -5.02 -15.63 -12.59
O1 SO4 C . -5.72 -14.45 -12.08
O2 SO4 C . -3.93 -15.95 -11.67
O3 SO4 C . -5.95 -16.74 -12.72
O4 SO4 C . -4.52 -15.38 -13.96
S SO4 D . 3.79 -6.45 13.86
O1 SO4 D . 3.91 -6.04 15.26
O2 SO4 D . 4.93 -6.07 13.04
O3 SO4 D . 3.78 -7.92 13.84
O4 SO4 D . 2.54 -5.90 13.36
S SO4 E . 7.83 -9.83 8.71
O1 SO4 E . 8.26 -10.73 9.79
O2 SO4 E . 8.94 -8.95 8.30
O3 SO4 E . 7.36 -10.63 7.60
O4 SO4 E . 6.77 -8.96 9.26
S SO4 F . 4.92 -23.05 -5.54
O1 SO4 F . 5.96 -22.60 -4.62
O2 SO4 F . 5.54 -23.50 -6.79
O3 SO4 F . 4.20 -24.15 -4.91
O4 SO4 F . 3.97 -21.95 -5.84
C4 P1E G . 10.71 3.48 -6.48
C6 P1E G . 9.24 3.50 -8.39
C9 P1E G . 10.21 4.37 -4.21
C13 P1E G . 9.99 4.95 -1.95
F22 P1E G . 6.82 5.89 -1.07
C15 P1E G . 8.10 6.38 -1.19
F16 P1E G . 8.66 6.06 0.03
F21 P1E G . 8.10 7.75 -1.45
C12 P1E G . 8.86 5.66 -2.27
N14 P1E G . 10.62 4.32 -2.95
C11 P1E G . 8.42 5.69 -3.61
N8 P1E G . 7.28 6.38 -3.96
C25 P1E G . 6.84 6.34 -5.35
C28 P1E G . 7.56 7.44 -6.14
C31 P1E G . 6.46 8.41 -6.60
C27 P1E G . 5.12 7.65 -6.51
C24 P1E G . 5.29 6.56 -5.45
N26 P1E G . 4.60 5.34 -5.92
C30 P1E G . 3.14 5.53 -6.01
C29 P1E G . 4.76 4.26 -4.95
N10 P1E G . 9.12 5.07 -4.54
N7 P1E G . 10.95 3.68 -5.12
C5 P1E G . 9.45 3.75 -7.05
C3 P1E G . 11.75 2.91 -7.25
C2 P1E G . 11.51 2.67 -8.59
C1 P1E G . 10.26 2.95 -9.19
S18 P1E G . 9.92 2.64 -10.94
O19 P1E G . 9.85 3.90 -11.61
O20 P1E G . 10.72 1.54 -11.35
N17 P1E G . 8.36 2.06 -10.84
C23 P1E G . 7.96 0.79 -10.20
#